data_2ZT8
#
_entry.id   2ZT8
#
_cell.length_a   119.600
_cell.length_b   138.258
_cell.length_c   132.703
_cell.angle_alpha   90.00
_cell.angle_beta   90.00
_cell.angle_gamma   90.00
#
_symmetry.space_group_name_H-M   'C 2 2 21'
#
loop_
_entity.id
_entity.type
_entity.pdbx_description
1 polymer 'Glycyl-tRNA synthetase'
2 non-polymer '[(2S,3R,4R,5R)-5-(6-amino-9H-purin-9-yl)-3,4-dihydroxytetrahydrofuran-2-yl]methyl (aminoacetyl)sulfamate'
3 water water
#
_entity_poly.entity_id   1
_entity_poly.type   'polypeptide(L)'
_entity_poly.pdbx_seq_one_letter_code
;MDGAGAEEVLAPLRLAVRQQGDLVRKLKEDKAPQVDVDKAVAELKARKRVLEAKELALQPKDDIVDRAKMEDTLKRRFFY
DQAFAIYGGVSGLYDFGPVGCALKNNIIQTWRQHFIQEEQILEIDCTMLTPEPVLKTSGHVDKFADFMVKDVKNGECFRA
DHLLKAHLQKLMSDKKCSVEKKSEMESVLAQLDNYGQQELADLFVNYNVKSPITGNDLSPPVSFNLMFKTFIGPGGNMPG
YLRPETAQGIFLNFKRLLEFNQGKLPFAAAQIGNSFRNEISPRSGLIRVREFTMAEIEHFVDPSEKDHPKFQNVADLHLY
LYSAKAQVSGQSARKMRLGDAVEQGVINNTVLGYFIGRIYLYLTKVGISPDKLRFRQHMENEMAHYACDCWDAESKTSYG
WIEIVGCADRSCYDLSCHARATKVPLVAEKPLKEPKTVNVVQFEPSKGAIGKAYKKDAKLVMEYLAICDECYITEMEMLL
NEKGEFTIETEGKTFQLTKDMINVKRFQKTLYVEEVVPNVIEPSFGLGRIMYTVFEHTFHVREGDEQRTFFSFPAVVAPF
KCSVLPLSQNQEFMPFVKELSEALTRHGVSHKVDDSSGSIGRRYARTDEIGVAFGVTIDFDTVNKTPHTATLRDRDSMRQ
IRAEISELPSIVQDLANGNITWADVEARYPLFEGQETGKKETIEELEHHHHHH
;
_entity_poly.pdbx_strand_id   A
#
loop_
_chem_comp.id
_chem_comp.type
_chem_comp.name
_chem_comp.formula
DRV non-polymer '[(2S,3R,4R,5R)-5-(6-amino-9H-purin-9-yl)-3,4-dihydroxytetrahydrofuran-2-yl]methyl (aminoacetyl)sulfamate' 'C12 H17 N7 O7 S'
#
# COMPACT_ATOMS: atom_id res chain seq x y z
N ILE A 64 -7.37 5.25 -16.22
CA ILE A 64 -8.85 5.33 -16.17
C ILE A 64 -9.45 3.98 -15.81
N VAL A 65 -10.12 3.91 -14.66
CA VAL A 65 -10.74 2.67 -14.22
C VAL A 65 -12.21 2.93 -13.88
N ASP A 66 -12.96 1.86 -13.61
CA ASP A 66 -14.38 1.98 -13.29
C ASP A 66 -14.63 1.74 -11.80
N ARG A 67 -14.36 2.76 -10.98
CA ARG A 67 -14.55 2.64 -9.54
C ARG A 67 -15.91 2.03 -9.21
N ALA A 68 -16.95 2.50 -9.90
CA ALA A 68 -18.29 2.00 -9.66
C ALA A 68 -18.30 0.47 -9.79
N LYS A 69 -18.18 0.01 -11.03
CA LYS A 69 -18.19 -1.42 -11.35
C LYS A 69 -17.22 -2.25 -10.51
N MET A 70 -16.04 -1.71 -10.22
CA MET A 70 -15.05 -2.45 -9.43
C MET A 70 -15.50 -2.64 -7.99
N GLU A 71 -15.72 -1.54 -7.27
CA GLU A 71 -16.15 -1.63 -5.87
C GLU A 71 -17.22 -2.71 -5.78
N ASP A 72 -18.18 -2.63 -6.69
CA ASP A 72 -19.29 -3.58 -6.74
C ASP A 72 -18.84 -5.03 -6.80
N THR A 73 -17.82 -5.30 -7.63
CA THR A 73 -17.31 -6.66 -7.77
C THR A 73 -16.55 -7.07 -6.52
N LEU A 74 -15.67 -6.19 -6.06
CA LEU A 74 -14.87 -6.44 -4.87
C LEU A 74 -15.71 -6.80 -3.65
N LYS A 75 -16.80 -6.06 -3.44
CA LYS A 75 -17.68 -6.30 -2.31
C LYS A 75 -18.53 -7.55 -2.48
N ARG A 76 -18.90 -7.86 -3.72
CA ARG A 76 -19.72 -9.03 -4.00
C ARG A 76 -18.97 -10.34 -3.80
N ARG A 77 -17.68 -10.34 -4.14
CA ARG A 77 -16.86 -11.54 -3.95
C ARG A 77 -16.30 -11.54 -2.55
N PHE A 78 -16.64 -10.46 -1.83
CA PHE A 78 -16.23 -10.25 -0.45
C PHE A 78 -14.73 -10.14 -0.20
N PHE A 79 -14.08 -9.25 -0.94
CA PHE A 79 -12.66 -9.00 -0.74
C PHE A 79 -12.71 -8.17 0.54
N TYR A 80 -13.73 -7.31 0.59
CA TYR A 80 -13.98 -6.45 1.73
C TYR A 80 -15.37 -5.87 1.58
N ASP A 81 -15.87 -5.23 2.64
CA ASP A 81 -17.19 -4.62 2.61
C ASP A 81 -17.29 -3.67 3.80
N GLN A 82 -18.45 -3.05 3.98
CA GLN A 82 -18.62 -2.12 5.09
C GLN A 82 -18.76 -2.78 6.45
N ALA A 83 -17.96 -2.31 7.40
CA ALA A 83 -17.99 -2.83 8.76
C ALA A 83 -19.35 -2.52 9.37
N PHE A 84 -19.85 -3.44 10.18
CA PHE A 84 -21.15 -3.27 10.83
C PHE A 84 -22.18 -2.84 9.80
N ALA A 85 -22.35 -3.64 8.77
CA ALA A 85 -23.30 -3.34 7.70
C ALA A 85 -24.73 -3.22 8.22
N ILE A 86 -25.18 -4.25 8.94
CA ILE A 86 -26.54 -4.28 9.47
C ILE A 86 -26.83 -3.25 10.55
N TYR A 87 -26.06 -2.17 10.57
CA TYR A 87 -26.24 -1.09 11.54
C TYR A 87 -25.99 0.24 10.86
N GLY A 88 -25.95 0.22 9.52
CA GLY A 88 -25.69 1.42 8.77
C GLY A 88 -24.20 1.52 8.51
N GLY A 89 -23.43 0.85 9.35
CA GLY A 89 -21.99 0.85 9.20
C GLY A 89 -21.33 2.14 9.64
N VAL A 90 -20.04 2.07 9.93
CA VAL A 90 -19.26 3.22 10.34
C VAL A 90 -18.33 3.62 9.20
N SER A 91 -18.19 4.91 8.98
CA SER A 91 -17.33 5.42 7.92
C SER A 91 -15.85 5.19 8.23
N GLY A 92 -15.10 4.82 7.20
CA GLY A 92 -13.68 4.58 7.36
C GLY A 92 -13.35 3.23 7.96
N LEU A 93 -14.37 2.41 8.19
CA LEU A 93 -14.17 1.08 8.75
C LEU A 93 -14.77 0.05 7.81
N TYR A 94 -13.98 -0.98 7.49
CA TYR A 94 -14.43 -2.04 6.59
C TYR A 94 -13.94 -3.38 7.11
N ASP A 95 -14.56 -4.46 6.65
CA ASP A 95 -14.17 -5.81 7.06
C ASP A 95 -13.65 -6.56 5.85
N PHE A 96 -12.61 -7.37 6.05
CA PHE A 96 -12.04 -8.14 4.96
C PHE A 96 -12.54 -9.56 4.92
N GLY A 97 -13.21 -9.90 3.81
CA GLY A 97 -13.74 -11.25 3.65
C GLY A 97 -12.63 -12.19 3.20
N PRO A 98 -12.92 -13.50 3.10
CA PRO A 98 -11.97 -14.53 2.70
C PRO A 98 -10.94 -14.18 1.62
N VAL A 99 -11.37 -14.00 0.37
CA VAL A 99 -10.42 -13.68 -0.70
C VAL A 99 -9.62 -12.43 -0.32
N GLY A 100 -10.28 -11.50 0.35
CA GLY A 100 -9.60 -10.28 0.76
C GLY A 100 -8.45 -10.68 1.65
N CYS A 101 -8.75 -11.47 2.68
CA CYS A 101 -7.73 -11.93 3.61
C CYS A 101 -6.62 -12.65 2.87
N ALA A 102 -6.98 -13.65 2.07
CA ALA A 102 -6.00 -14.42 1.32
C ALA A 102 -5.02 -13.51 0.58
N LEU A 103 -5.56 -12.52 -0.13
CA LEU A 103 -4.75 -11.57 -0.87
C LEU A 103 -3.99 -10.61 0.04
N LYS A 104 -4.62 -10.23 1.14
CA LYS A 104 -3.99 -9.32 2.09
C LYS A 104 -2.83 -10.00 2.81
N ASN A 105 -2.92 -11.32 2.95
CA ASN A 105 -1.88 -12.09 3.62
C ASN A 105 -0.78 -12.50 2.64
N ASN A 106 -1.06 -12.36 1.35
CA ASN A 106 -0.09 -12.69 0.33
C ASN A 106 0.83 -11.50 0.14
N ILE A 107 0.31 -10.33 0.45
CA ILE A 107 1.06 -9.09 0.32
C ILE A 107 1.98 -8.87 1.53
N ILE A 108 1.46 -9.13 2.73
CA ILE A 108 2.27 -8.97 3.92
C ILE A 108 3.33 -10.07 3.93
N GLN A 109 3.05 -11.12 3.17
CA GLN A 109 3.97 -12.25 3.09
C GLN A 109 5.06 -11.94 2.07
N THR A 110 4.65 -11.46 0.90
CA THR A 110 5.59 -11.10 -0.15
C THR A 110 6.48 -9.99 0.37
N TRP A 111 5.91 -9.14 1.21
CA TRP A 111 6.64 -8.03 1.80
C TRP A 111 7.72 -8.52 2.74
N ARG A 112 7.36 -9.42 3.64
CA ARG A 112 8.31 -9.97 4.60
C ARG A 112 9.59 -10.47 3.92
N GLN A 113 9.43 -11.10 2.76
CA GLN A 113 10.60 -11.59 2.03
C GLN A 113 11.39 -10.39 1.55
N HIS A 114 10.76 -9.63 0.65
CA HIS A 114 11.33 -8.44 0.05
C HIS A 114 12.07 -7.53 1.02
N PHE A 115 11.69 -7.56 2.30
CA PHE A 115 12.33 -6.69 3.28
C PHE A 115 12.95 -7.37 4.50
N ILE A 116 12.12 -7.78 5.44
CA ILE A 116 12.62 -8.43 6.65
C ILE A 116 13.63 -9.52 6.32
N GLN A 117 13.27 -10.38 5.37
CA GLN A 117 14.15 -11.48 4.96
C GLN A 117 15.40 -10.99 4.25
N GLU A 118 15.20 -10.24 3.17
CA GLU A 118 16.29 -9.71 2.35
C GLU A 118 17.21 -8.71 3.07
N GLU A 119 16.83 -8.29 4.27
CA GLU A 119 17.65 -7.31 4.99
C GLU A 119 17.93 -7.72 6.43
N GLN A 120 17.68 -8.97 6.76
CA GLN A 120 17.92 -9.47 8.11
C GLN A 120 17.36 -8.46 9.12
N ILE A 121 16.16 -7.97 8.84
CA ILE A 121 15.52 -6.99 9.70
C ILE A 121 14.93 -7.59 10.96
N LEU A 122 15.30 -7.03 12.11
CA LEU A 122 14.79 -7.50 13.39
C LEU A 122 13.31 -7.16 13.46
N GLU A 123 12.52 -8.05 14.04
CA GLU A 123 11.08 -7.83 14.14
C GLU A 123 10.56 -7.90 15.58
N ILE A 124 9.71 -6.94 15.93
CA ILE A 124 9.12 -6.89 17.26
C ILE A 124 7.64 -6.64 17.10
N ASP A 125 6.86 -6.88 18.15
CA ASP A 125 5.43 -6.67 18.11
C ASP A 125 5.02 -5.93 19.37
N CYS A 126 4.91 -4.61 19.25
CA CYS A 126 4.56 -3.76 20.37
C CYS A 126 3.06 -3.61 20.59
N THR A 127 2.72 -2.88 21.65
CA THR A 127 1.33 -2.63 22.02
C THR A 127 0.72 -1.58 21.10
N MET A 128 -0.60 -1.48 21.14
CA MET A 128 -1.33 -0.50 20.32
C MET A 128 -1.76 0.65 21.22
N LEU A 129 -2.05 0.31 22.48
CA LEU A 129 -2.47 1.30 23.46
C LEU A 129 -1.21 2.01 23.96
N THR A 130 -1.11 3.30 23.69
CA THR A 130 0.06 4.08 24.12
C THR A 130 -0.37 5.11 25.17
N PRO A 131 0.41 5.25 26.26
CA PRO A 131 0.06 6.22 27.29
C PRO A 131 0.54 7.64 27.02
N GLU A 132 -0.37 8.59 27.23
CA GLU A 132 -0.15 10.02 27.03
C GLU A 132 1.29 10.51 26.81
N PRO A 133 2.15 10.42 27.85
CA PRO A 133 3.55 10.86 27.75
C PRO A 133 4.31 10.47 26.49
N VAL A 134 4.29 9.18 26.17
CA VAL A 134 4.99 8.66 25.01
C VAL A 134 4.71 9.44 23.72
N LEU A 135 3.44 9.74 23.47
CA LEU A 135 3.06 10.47 22.27
C LEU A 135 3.24 11.98 22.43
N LYS A 136 3.39 12.43 23.67
CA LYS A 136 3.60 13.84 23.93
C LYS A 136 5.07 14.12 23.63
N THR A 137 5.92 13.20 24.09
CA THR A 137 7.36 13.29 23.89
C THR A 137 7.69 13.25 22.40
N SER A 138 6.93 12.45 21.65
CA SER A 138 7.14 12.32 20.21
C SER A 138 6.58 13.55 19.50
N GLY A 139 5.83 14.36 20.23
CA GLY A 139 5.25 15.56 19.65
C GLY A 139 4.04 15.25 18.79
N HIS A 140 3.39 14.13 19.07
CA HIS A 140 2.21 13.73 18.32
C HIS A 140 0.96 14.40 18.89
N VAL A 141 0.91 14.51 20.21
CA VAL A 141 -0.22 15.14 20.87
C VAL A 141 -0.35 16.57 20.36
N ASP A 142 0.74 17.08 19.80
CA ASP A 142 0.77 18.44 19.29
C ASP A 142 0.53 18.58 17.79
N LYS A 143 1.57 18.36 16.98
CA LYS A 143 1.48 18.51 15.52
C LYS A 143 0.72 17.46 14.72
N PHE A 144 0.24 16.40 15.35
CA PHE A 144 -0.47 15.38 14.59
C PHE A 144 -1.97 15.61 14.51
N ALA A 145 -2.41 16.23 13.43
CA ALA A 145 -3.82 16.53 13.22
C ALA A 145 -4.09 17.10 11.84
N ASP A 146 -5.36 17.15 11.48
CA ASP A 146 -5.79 17.69 10.19
C ASP A 146 -6.65 18.91 10.45
N PHE A 147 -6.68 19.83 9.49
CA PHE A 147 -7.48 21.04 9.63
C PHE A 147 -8.92 20.73 9.27
N MET A 148 -9.81 20.92 10.24
CA MET A 148 -11.22 20.65 10.06
C MET A 148 -12.08 21.89 10.23
N VAL A 149 -13.12 21.96 9.40
CA VAL A 149 -14.07 23.06 9.45
C VAL A 149 -15.44 22.43 9.60
N LYS A 150 -16.44 23.23 9.95
CA LYS A 150 -17.79 22.73 10.12
C LYS A 150 -18.81 23.85 9.99
N ASP A 151 -19.84 23.63 9.16
CA ASP A 151 -20.88 24.63 8.95
C ASP A 151 -21.54 24.97 10.28
N VAL A 152 -21.66 26.27 10.55
CA VAL A 152 -22.24 26.77 11.78
C VAL A 152 -23.71 26.42 11.98
N LYS A 153 -24.23 25.53 11.15
CA LYS A 153 -25.63 25.11 11.26
C LYS A 153 -25.63 23.83 12.08
N ASN A 154 -25.65 22.70 11.39
CA ASN A 154 -25.61 21.41 12.06
C ASN A 154 -24.14 21.08 12.29
N GLY A 155 -23.87 20.20 13.25
CA GLY A 155 -22.50 19.84 13.53
C GLY A 155 -21.88 18.92 12.49
N GLU A 156 -21.75 19.41 11.26
CA GLU A 156 -21.17 18.62 10.18
C GLU A 156 -19.71 19.01 10.02
N CYS A 157 -18.82 18.01 10.06
CA CYS A 157 -17.39 18.25 9.92
C CYS A 157 -16.86 17.90 8.54
N PHE A 158 -15.71 18.48 8.21
CA PHE A 158 -15.05 18.27 6.93
C PHE A 158 -13.56 18.54 7.11
N ARG A 159 -12.72 17.83 6.39
CA ARG A 159 -11.28 18.09 6.50
C ARG A 159 -11.01 19.28 5.61
N ALA A 160 -10.80 20.45 6.22
CA ALA A 160 -10.52 21.67 5.48
C ALA A 160 -9.58 21.38 4.32
N ASP A 161 -8.39 20.90 4.67
CA ASP A 161 -7.35 20.55 3.72
C ASP A 161 -7.92 20.13 2.35
N HIS A 162 -8.93 19.27 2.37
CA HIS A 162 -9.53 18.75 1.14
C HIS A 162 -10.70 19.57 0.57
N LEU A 163 -11.60 20.05 1.43
CA LEU A 163 -12.76 20.81 0.95
C LEU A 163 -12.35 21.97 0.05
N LEU A 164 -11.33 22.73 0.47
CA LEU A 164 -10.83 23.85 -0.30
C LEU A 164 -10.40 23.35 -1.68
N LYS A 165 -9.78 22.18 -1.69
CA LYS A 165 -9.31 21.56 -2.92
C LYS A 165 -10.48 21.16 -3.81
N ALA A 166 -11.57 20.71 -3.19
CA ALA A 166 -12.76 20.32 -3.92
C ALA A 166 -13.36 21.55 -4.61
N HIS A 167 -13.51 22.62 -3.84
CA HIS A 167 -14.06 23.88 -4.34
C HIS A 167 -13.28 24.34 -5.57
N LEU A 168 -11.99 24.60 -5.38
CA LEU A 168 -11.13 25.06 -6.47
C LEU A 168 -11.27 24.25 -7.74
N GLN A 169 -11.28 22.93 -7.63
CA GLN A 169 -11.42 22.08 -8.80
C GLN A 169 -12.73 22.39 -9.50
N LYS A 170 -13.76 22.70 -8.72
CA LYS A 170 -15.07 23.03 -9.26
C LYS A 170 -14.96 24.30 -10.10
N LEU A 171 -14.25 25.29 -9.57
CA LEU A 171 -14.05 26.56 -10.25
C LEU A 171 -13.24 26.40 -11.53
N MET A 172 -12.13 25.68 -11.45
CA MET A 172 -11.28 25.46 -12.61
C MET A 172 -12.00 24.64 -13.67
N SER A 173 -13.02 23.91 -13.23
CA SER A 173 -13.79 23.06 -14.13
C SER A 173 -14.91 23.80 -14.86
N ASP A 174 -15.44 24.86 -14.24
CA ASP A 174 -16.50 25.62 -14.88
C ASP A 174 -15.91 26.45 -16.01
N LYS A 175 -16.48 26.30 -17.20
CA LYS A 175 -16.01 27.00 -18.39
C LYS A 175 -15.94 28.52 -18.25
N LYS A 176 -16.67 29.07 -17.28
CA LYS A 176 -16.69 30.52 -17.06
C LYS A 176 -15.42 31.07 -16.41
N CYS A 177 -14.34 30.30 -16.43
CA CYS A 177 -13.10 30.73 -15.81
C CYS A 177 -12.01 31.18 -16.79
N SER A 178 -11.34 32.27 -16.44
CA SER A 178 -10.27 32.80 -17.27
C SER A 178 -9.05 31.90 -17.09
N VAL A 179 -8.44 31.51 -18.20
CA VAL A 179 -7.26 30.65 -18.14
C VAL A 179 -6.23 31.21 -17.18
N GLU A 180 -6.31 32.51 -16.91
CA GLU A 180 -5.38 33.18 -16.02
C GLU A 180 -5.65 32.87 -14.54
N LYS A 181 -6.92 32.67 -14.19
CA LYS A 181 -7.26 32.35 -12.81
C LYS A 181 -7.06 30.86 -12.62
N LYS A 182 -7.49 30.09 -13.61
CA LYS A 182 -7.36 28.64 -13.56
C LYS A 182 -5.92 28.29 -13.22
N SER A 183 -4.98 28.83 -13.99
CA SER A 183 -3.56 28.59 -13.78
C SER A 183 -3.14 28.99 -12.38
N GLU A 184 -3.77 30.02 -11.84
CA GLU A 184 -3.46 30.51 -10.49
C GLU A 184 -3.94 29.52 -9.43
N MET A 185 -5.21 29.13 -9.53
CA MET A 185 -5.79 28.19 -8.58
C MET A 185 -4.99 26.91 -8.49
N GLU A 186 -4.57 26.39 -9.64
CA GLU A 186 -3.77 25.17 -9.66
C GLU A 186 -2.62 25.38 -8.68
N SER A 187 -1.94 26.51 -8.86
CA SER A 187 -0.80 26.89 -8.03
C SER A 187 -1.18 26.92 -6.55
N VAL A 188 -2.47 27.07 -6.26
CA VAL A 188 -2.95 27.10 -4.88
C VAL A 188 -3.15 25.68 -4.37
N LEU A 189 -3.44 24.76 -5.29
CA LEU A 189 -3.63 23.36 -4.93
C LEU A 189 -2.27 22.68 -4.83
N ALA A 190 -1.36 23.10 -5.70
CA ALA A 190 -0.01 22.56 -5.73
C ALA A 190 0.85 23.12 -4.60
N GLN A 191 0.24 23.32 -3.44
CA GLN A 191 0.95 23.85 -2.27
C GLN A 191 0.09 23.62 -1.03
N LEU A 192 -1.15 23.22 -1.27
CA LEU A 192 -2.13 22.98 -0.22
C LEU A 192 -1.64 22.36 1.08
N ASP A 193 -0.78 21.35 1.00
CA ASP A 193 -0.27 20.70 2.21
C ASP A 193 0.72 21.55 3.00
N ASN A 194 1.18 22.65 2.41
CA ASN A 194 2.12 23.55 3.07
C ASN A 194 1.35 24.62 3.84
N TYR A 195 0.15 24.91 3.36
CA TYR A 195 -0.69 25.92 3.96
C TYR A 195 -1.00 25.66 5.42
N GLY A 196 -0.45 26.52 6.27
CA GLY A 196 -0.65 26.41 7.70
C GLY A 196 -1.89 27.18 8.14
N GLN A 197 -2.26 27.00 9.40
CA GLN A 197 -3.43 27.65 9.98
C GLN A 197 -3.86 28.96 9.32
N GLN A 198 -2.96 29.92 9.26
CA GLN A 198 -3.26 31.22 8.68
C GLN A 198 -3.63 31.20 7.20
N GLU A 199 -2.65 30.87 6.36
CA GLU A 199 -2.85 30.82 4.92
C GLU A 199 -4.12 30.06 4.54
N LEU A 200 -4.40 28.99 5.28
CA LEU A 200 -5.57 28.18 5.04
C LEU A 200 -6.82 28.93 5.49
N ALA A 201 -6.65 29.79 6.48
CA ALA A 201 -7.76 30.60 7.00
C ALA A 201 -8.13 31.63 5.94
N ASP A 202 -7.14 32.40 5.49
CA ASP A 202 -7.37 33.43 4.48
C ASP A 202 -8.00 32.81 3.25
N LEU A 203 -7.38 31.77 2.71
CA LEU A 203 -7.88 31.10 1.52
C LEU A 203 -9.33 30.65 1.68
N PHE A 204 -9.69 30.23 2.89
CA PHE A 204 -11.05 29.79 3.15
C PHE A 204 -12.01 30.97 3.15
N VAL A 205 -11.46 32.17 3.00
CA VAL A 205 -12.24 33.40 2.96
C VAL A 205 -12.36 33.86 1.53
N ASN A 206 -11.22 34.17 0.93
CA ASN A 206 -11.14 34.65 -0.44
C ASN A 206 -12.03 33.83 -1.37
N TYR A 207 -11.82 32.53 -1.37
CA TYR A 207 -12.60 31.63 -2.23
C TYR A 207 -13.99 31.32 -1.71
N ASN A 208 -14.28 31.74 -0.49
CA ASN A 208 -15.59 31.53 0.10
C ASN A 208 -15.99 30.06 0.12
N VAL A 209 -15.23 29.25 0.85
CA VAL A 209 -15.53 27.82 0.95
C VAL A 209 -16.77 27.64 1.82
N LYS A 210 -17.78 26.97 1.29
CA LYS A 210 -19.01 26.75 2.03
C LYS A 210 -19.46 25.29 1.93
N SER A 211 -20.05 24.80 3.02
CA SER A 211 -20.52 23.42 3.11
C SER A 211 -20.88 22.82 1.75
N PRO A 212 -20.27 21.66 1.42
CA PRO A 212 -20.56 21.01 0.14
C PRO A 212 -22.05 20.77 -0.06
N ILE A 213 -22.72 20.35 1.01
CA ILE A 213 -24.16 20.11 0.96
C ILE A 213 -24.87 21.27 1.65
N THR A 214 -26.02 21.67 1.11
CA THR A 214 -26.82 22.78 1.63
C THR A 214 -25.93 23.97 1.96
N GLY A 215 -24.92 24.19 1.11
CA GLY A 215 -23.98 25.27 1.27
C GLY A 215 -24.24 26.29 2.35
N ASN A 216 -23.83 25.97 3.58
CA ASN A 216 -24.01 26.87 4.70
C ASN A 216 -22.69 27.60 4.91
N ASP A 217 -22.41 28.01 6.14
CA ASP A 217 -21.17 28.71 6.43
C ASP A 217 -20.24 27.92 7.35
N LEU A 218 -19.14 27.44 6.77
CA LEU A 218 -18.14 26.67 7.48
C LEU A 218 -17.37 27.48 8.51
N SER A 219 -17.16 26.89 9.68
CA SER A 219 -16.43 27.55 10.75
C SER A 219 -15.03 27.82 10.20
N PRO A 220 -14.14 28.43 11.01
CA PRO A 220 -12.81 28.68 10.47
C PRO A 220 -11.94 27.43 10.62
N PRO A 221 -10.97 27.24 9.71
CA PRO A 221 -10.11 26.05 9.81
C PRO A 221 -9.51 25.89 11.20
N VAL A 222 -9.66 24.69 11.76
CA VAL A 222 -9.15 24.37 13.08
C VAL A 222 -8.24 23.15 13.02
N SER A 223 -7.61 22.82 14.14
CA SER A 223 -6.74 21.66 14.21
C SER A 223 -7.41 20.55 15.00
N PHE A 224 -7.72 19.45 14.33
CA PHE A 224 -8.36 18.31 14.99
C PHE A 224 -7.38 17.15 15.05
N ASN A 225 -6.91 16.84 16.25
CA ASN A 225 -5.95 15.77 16.44
C ASN A 225 -6.52 14.43 15.99
N LEU A 226 -5.78 13.79 15.09
CA LEU A 226 -6.18 12.51 14.50
C LEU A 226 -6.04 11.27 15.38
N MET A 227 -5.47 11.40 16.57
CA MET A 227 -5.30 10.25 17.45
C MET A 227 -6.56 9.93 18.23
N PHE A 228 -6.83 8.63 18.40
CA PHE A 228 -7.99 8.19 19.17
C PHE A 228 -7.63 8.43 20.63
N LYS A 229 -8.62 8.53 21.50
CA LYS A 229 -8.35 8.80 22.91
C LYS A 229 -9.08 7.87 23.88
N THR A 230 -8.34 7.36 24.86
CA THR A 230 -8.89 6.45 25.87
C THR A 230 -8.10 6.53 27.16
N PHE A 231 -8.55 5.82 28.19
CA PHE A 231 -7.88 5.78 29.47
C PHE A 231 -7.53 4.36 29.87
N ILE A 232 -6.23 4.12 30.07
CA ILE A 232 -5.74 2.81 30.45
C ILE A 232 -5.97 2.48 31.92
N GLY A 233 -6.84 1.53 32.18
CA GLY A 233 -7.13 1.12 33.53
C GLY A 233 -8.29 1.88 34.17
N PRO A 234 -8.83 1.38 35.28
CA PRO A 234 -9.95 2.04 35.96
C PRO A 234 -9.56 3.45 36.37
N GLY A 235 -10.54 4.35 36.42
CA GLY A 235 -10.27 5.72 36.78
C GLY A 235 -10.00 6.55 35.54
N GLY A 236 -9.22 7.61 35.69
CA GLY A 236 -8.90 8.46 34.56
C GLY A 236 -7.54 9.12 34.76
N ASN A 237 -6.74 8.51 35.62
CA ASN A 237 -5.41 9.00 35.95
C ASN A 237 -4.41 8.73 34.83
N MET A 238 -4.56 7.59 34.16
CA MET A 238 -3.64 7.20 33.09
C MET A 238 -4.28 7.21 31.71
N PRO A 239 -4.44 8.39 31.09
CA PRO A 239 -5.03 8.50 29.77
C PRO A 239 -4.05 8.07 28.67
N GLY A 240 -4.56 7.83 27.47
CA GLY A 240 -3.71 7.42 26.37
C GLY A 240 -4.38 7.49 25.01
N TYR A 241 -3.68 7.02 23.98
CA TYR A 241 -4.21 7.02 22.63
C TYR A 241 -3.87 5.70 21.93
N LEU A 242 -4.44 5.51 20.75
CA LEU A 242 -4.16 4.32 19.96
C LEU A 242 -3.07 4.71 18.97
N ARG A 243 -1.91 4.07 19.09
CA ARG A 243 -0.76 4.35 18.23
C ARG A 243 -1.08 4.64 16.77
N PRO A 244 -0.81 5.88 16.31
CA PRO A 244 -1.07 6.29 14.93
C PRO A 244 0.01 5.76 13.99
N GLU A 245 1.05 5.16 14.58
CA GLU A 245 2.16 4.58 13.84
C GLU A 245 2.82 3.55 14.74
N THR A 246 3.48 2.56 14.15
CA THR A 246 4.14 1.51 14.92
C THR A 246 5.50 1.94 15.45
N ALA A 247 6.21 2.75 14.66
CA ALA A 247 7.54 3.24 14.98
C ALA A 247 7.86 3.51 16.45
N GLN A 248 7.06 4.35 17.10
CA GLN A 248 7.31 4.69 18.50
C GLN A 248 7.74 3.50 19.35
N GLY A 249 7.11 2.36 19.12
CA GLY A 249 7.46 1.17 19.88
C GLY A 249 8.86 0.70 19.54
N ILE A 250 9.20 0.77 18.26
CA ILE A 250 10.53 0.35 17.81
C ILE A 250 11.58 1.28 18.38
N PHE A 251 11.19 2.51 18.69
CA PHE A 251 12.12 3.47 19.26
C PHE A 251 12.26 3.26 20.76
N LEU A 252 11.12 3.20 21.46
CA LEU A 252 11.12 2.99 22.90
C LEU A 252 11.80 1.68 23.30
N ASN A 253 12.22 0.91 22.30
CA ASN A 253 12.89 -0.37 22.53
C ASN A 253 14.30 -0.37 21.96
N PHE A 254 14.77 0.81 21.55
CA PHE A 254 16.09 0.93 20.95
C PHE A 254 17.25 0.28 21.71
N LYS A 255 17.31 0.50 23.01
CA LYS A 255 18.38 -0.07 23.82
C LYS A 255 18.62 -1.56 23.56
N ARG A 256 17.64 -2.39 23.93
CA ARG A 256 17.75 -3.83 23.74
C ARG A 256 17.71 -4.26 22.28
N LEU A 257 17.50 -3.31 21.38
CA LEU A 257 17.46 -3.60 19.95
C LEU A 257 18.87 -3.41 19.38
N LEU A 258 19.56 -2.40 19.88
CA LEU A 258 20.93 -2.12 19.44
C LEU A 258 21.73 -3.36 19.81
N GLU A 259 21.52 -3.80 21.04
CA GLU A 259 22.16 -4.97 21.61
C GLU A 259 22.25 -6.13 20.62
N PHE A 260 21.11 -6.47 20.01
CA PHE A 260 21.06 -7.56 19.04
C PHE A 260 22.11 -7.47 17.94
N ASN A 261 22.30 -6.27 17.39
CA ASN A 261 23.25 -6.06 16.32
C ASN A 261 24.68 -5.81 16.83
N GLN A 262 24.91 -6.14 18.10
CA GLN A 262 26.22 -5.96 18.70
C GLN A 262 26.56 -4.51 18.98
N GLY A 263 25.53 -3.69 19.18
CA GLY A 263 25.75 -2.28 19.46
C GLY A 263 26.26 -1.47 18.29
N LYS A 264 26.51 -2.14 17.17
CA LYS A 264 27.00 -1.45 15.98
C LYS A 264 25.88 -1.12 15.00
N LEU A 265 26.07 -0.03 14.26
CA LEU A 265 25.13 0.42 13.25
C LEU A 265 25.75 0.09 11.90
N PRO A 266 24.93 -0.03 10.85
CA PRO A 266 23.48 0.14 10.86
C PRO A 266 22.77 -1.16 11.21
N PHE A 267 21.49 -1.04 11.55
CA PHE A 267 20.66 -2.19 11.88
C PHE A 267 19.23 -1.70 11.82
N ALA A 268 18.34 -2.51 11.26
CA ALA A 268 16.96 -2.10 11.13
C ALA A 268 15.97 -3.01 11.85
N ALA A 269 15.09 -2.40 12.63
CA ALA A 269 14.07 -3.13 13.36
C ALA A 269 12.82 -2.97 12.50
N ALA A 270 11.74 -3.66 12.86
CA ALA A 270 10.52 -3.54 12.08
C ALA A 270 9.30 -4.04 12.84
N GLN A 271 8.13 -3.72 12.29
CA GLN A 271 6.86 -4.11 12.88
C GLN A 271 5.79 -4.16 11.81
N ILE A 272 4.89 -5.14 11.94
CA ILE A 272 3.78 -5.27 11.02
C ILE A 272 2.56 -5.40 11.90
N GLY A 273 1.86 -4.28 12.08
CA GLY A 273 0.67 -4.28 12.92
C GLY A 273 -0.25 -3.13 12.59
N ASN A 274 -1.28 -2.96 13.41
CA ASN A 274 -2.26 -1.90 13.18
C ASN A 274 -1.93 -0.57 13.83
N SER A 275 -2.51 0.49 13.27
CA SER A 275 -2.35 1.84 13.76
C SER A 275 -3.74 2.48 13.60
N PHE A 276 -4.12 3.34 14.53
CA PHE A 276 -5.43 3.97 14.46
C PHE A 276 -5.32 5.46 14.20
N ARG A 277 -6.05 5.92 13.18
CA ARG A 277 -6.04 7.32 12.80
C ARG A 277 -7.47 7.83 12.66
N ASN A 278 -7.98 8.44 13.73
CA ASN A 278 -9.34 8.97 13.75
C ASN A 278 -9.51 10.07 12.71
N GLU A 279 -9.60 9.65 11.44
CA GLU A 279 -9.77 10.58 10.33
C GLU A 279 -11.08 11.32 10.50
N ILE A 280 -11.22 12.45 9.81
CA ILE A 280 -12.42 13.28 9.90
C ILE A 280 -13.52 12.86 8.93
N SER A 281 -13.22 12.88 7.63
CA SER A 281 -14.20 12.53 6.63
C SER A 281 -13.83 11.35 5.74
N PRO A 282 -13.89 10.12 6.29
CA PRO A 282 -13.54 8.96 5.47
C PRO A 282 -14.60 8.78 4.38
N ARG A 283 -14.23 9.13 3.15
CA ARG A 283 -15.12 9.01 2.00
C ARG A 283 -14.29 8.52 0.83
N SER A 284 -13.06 8.12 1.12
CA SER A 284 -12.13 7.64 0.09
C SER A 284 -12.13 6.12 -0.05
N GLY A 285 -13.20 5.48 0.41
CA GLY A 285 -13.26 4.04 0.33
C GLY A 285 -12.21 3.41 1.22
N LEU A 286 -11.47 2.43 0.70
CA LEU A 286 -10.42 1.77 1.48
C LEU A 286 -9.21 2.68 1.67
N ILE A 287 -9.07 3.67 0.77
CA ILE A 287 -7.95 4.61 0.81
C ILE A 287 -7.83 5.37 2.12
N ARG A 288 -8.97 5.84 2.64
CA ARG A 288 -8.99 6.56 3.91
C ARG A 288 -9.71 5.75 4.97
N VAL A 289 -8.97 5.20 5.93
CA VAL A 289 -9.57 4.40 6.98
C VAL A 289 -9.06 4.76 8.37
N ARG A 290 -9.93 4.62 9.36
CA ARG A 290 -9.60 4.94 10.76
C ARG A 290 -8.90 3.82 11.50
N GLU A 291 -8.49 2.79 10.76
CA GLU A 291 -7.82 1.66 11.37
C GLU A 291 -7.20 0.86 10.24
N PHE A 292 -5.90 0.61 10.33
CA PHE A 292 -5.24 -0.16 9.28
C PHE A 292 -3.94 -0.83 9.67
N THR A 293 -3.56 -1.82 8.86
CA THR A 293 -2.34 -2.57 9.07
C THR A 293 -1.22 -1.92 8.27
N MET A 294 -0.11 -1.61 8.93
CA MET A 294 1.01 -1.00 8.24
C MET A 294 2.33 -1.64 8.63
N ALA A 295 3.17 -1.85 7.63
CA ALA A 295 4.49 -2.45 7.81
C ALA A 295 5.47 -1.30 7.89
N GLU A 296 6.23 -1.23 8.98
CA GLU A 296 7.19 -0.14 9.15
C GLU A 296 8.59 -0.62 9.49
N ILE A 297 9.57 -0.10 8.77
CA ILE A 297 10.97 -0.45 8.99
C ILE A 297 11.69 0.76 9.56
N GLU A 298 12.42 0.57 10.65
CA GLU A 298 13.16 1.66 11.27
C GLU A 298 14.65 1.40 11.11
N HIS A 299 15.21 1.98 10.05
CA HIS A 299 16.63 1.82 9.73
C HIS A 299 17.52 2.80 10.50
N PHE A 300 18.11 2.32 11.59
CA PHE A 300 18.99 3.12 12.44
C PHE A 300 20.41 3.15 11.88
N VAL A 301 20.76 4.25 11.22
CA VAL A 301 22.10 4.39 10.64
C VAL A 301 22.89 5.52 11.29
N ASP A 302 24.22 5.39 11.23
CA ASP A 302 25.11 6.40 11.79
C ASP A 302 25.04 7.65 10.93
N PRO A 303 24.77 8.82 11.54
CA PRO A 303 24.67 10.09 10.81
C PRO A 303 25.75 10.34 9.77
N SER A 304 26.99 9.99 10.10
CA SER A 304 28.11 10.19 9.18
C SER A 304 28.22 9.11 8.12
N GLU A 305 27.48 8.01 8.32
CA GLU A 305 27.52 6.90 7.37
C GLU A 305 26.21 6.69 6.62
N LYS A 306 25.52 7.77 6.30
CA LYS A 306 24.26 7.69 5.55
C LYS A 306 24.54 7.18 4.14
N ASP A 307 25.23 6.05 4.05
CA ASP A 307 25.58 5.46 2.76
C ASP A 307 25.31 3.96 2.73
N HIS A 308 24.31 3.55 1.97
CA HIS A 308 23.95 2.14 1.90
C HIS A 308 24.83 1.30 0.97
N PRO A 309 25.42 0.23 1.51
CA PRO A 309 26.31 -0.73 0.83
C PRO A 309 25.71 -1.47 -0.37
N LYS A 310 24.39 -1.64 -0.39
CA LYS A 310 23.71 -2.35 -1.47
C LYS A 310 23.16 -1.48 -2.59
N PHE A 311 23.18 -0.16 -2.41
CA PHE A 311 22.61 0.74 -3.41
C PHE A 311 22.75 0.30 -4.88
N GLN A 312 23.97 -0.04 -5.28
CA GLN A 312 24.24 -0.42 -6.66
C GLN A 312 23.25 -1.40 -7.29
N ASN A 313 22.48 -2.10 -6.46
CA ASN A 313 21.50 -3.06 -6.97
C ASN A 313 20.29 -2.36 -7.59
N VAL A 314 19.86 -1.26 -6.95
CA VAL A 314 18.71 -0.50 -7.41
C VAL A 314 19.14 0.82 -8.05
N ALA A 315 20.39 0.87 -8.53
CA ALA A 315 20.91 2.08 -9.14
C ALA A 315 20.38 2.32 -10.55
N ASP A 316 20.36 1.27 -11.37
CA ASP A 316 19.90 1.39 -12.74
C ASP A 316 18.40 1.42 -12.96
N LEU A 317 17.64 1.68 -11.91
CA LEU A 317 16.19 1.75 -12.04
C LEU A 317 15.83 3.14 -12.55
N HIS A 318 14.92 3.20 -13.51
CA HIS A 318 14.49 4.48 -14.06
C HIS A 318 13.08 4.77 -13.58
N LEU A 319 12.95 5.60 -12.56
CA LEU A 319 11.64 5.92 -12.00
C LEU A 319 11.31 7.41 -11.89
N TYR A 320 10.05 7.72 -12.14
CA TYR A 320 9.55 9.10 -12.08
C TYR A 320 9.76 9.71 -10.70
N LEU A 321 10.41 10.87 -10.67
CA LEU A 321 10.65 11.59 -9.43
C LEU A 321 10.09 13.00 -9.54
N TYR A 322 9.52 13.49 -8.46
CA TYR A 322 8.93 14.82 -8.44
C TYR A 322 9.54 15.59 -7.28
N SER A 323 10.78 16.01 -7.45
CA SER A 323 11.53 16.75 -6.44
C SER A 323 10.74 17.88 -5.79
N ALA A 324 11.27 18.40 -4.70
CA ALA A 324 10.62 19.49 -3.99
C ALA A 324 10.67 20.71 -4.90
N LYS A 325 11.76 20.82 -5.67
CA LYS A 325 11.94 21.92 -6.60
C LYS A 325 10.90 21.86 -7.71
N ALA A 326 10.85 20.73 -8.41
CA ALA A 326 9.90 20.55 -9.51
C ALA A 326 8.49 20.93 -9.10
N GLN A 327 8.23 20.96 -7.80
CA GLN A 327 6.92 21.33 -7.29
C GLN A 327 6.81 22.83 -7.11
N VAL A 328 7.94 23.46 -6.75
CA VAL A 328 7.98 24.90 -6.56
C VAL A 328 8.31 25.57 -7.89
N SER A 329 9.05 24.86 -8.73
CA SER A 329 9.41 25.38 -10.06
C SER A 329 8.36 24.84 -11.02
N GLY A 330 7.13 24.72 -10.51
CA GLY A 330 6.00 24.25 -11.27
C GLY A 330 6.24 23.48 -12.55
N GLN A 331 7.06 22.43 -12.50
CA GLN A 331 7.33 21.63 -13.69
C GLN A 331 7.12 20.13 -13.46
N SER A 332 6.88 19.41 -14.55
CA SER A 332 6.63 17.97 -14.49
C SER A 332 7.73 17.14 -13.84
N ALA A 333 7.32 15.99 -13.29
CA ALA A 333 8.24 15.06 -12.65
C ALA A 333 9.05 14.36 -13.72
N ARG A 334 10.34 14.16 -13.46
CA ARG A 334 11.24 13.53 -14.41
C ARG A 334 11.36 12.03 -14.19
N LYS A 335 11.67 11.30 -15.26
CA LYS A 335 11.85 9.85 -15.17
C LYS A 335 13.35 9.56 -15.20
N MET A 336 14.03 9.87 -14.11
CA MET A 336 15.46 9.68 -13.99
C MET A 336 15.87 8.24 -13.71
N ARG A 337 17.10 8.12 -13.21
CA ARG A 337 17.71 6.85 -12.83
C ARG A 337 18.18 7.11 -11.41
N LEU A 338 17.94 6.16 -10.50
CA LEU A 338 18.34 6.36 -9.11
C LEU A 338 19.80 6.79 -8.96
N GLY A 339 20.69 6.14 -9.69
CA GLY A 339 22.10 6.49 -9.60
C GLY A 339 22.30 7.97 -9.88
N ASP A 340 21.83 8.43 -11.04
CA ASP A 340 21.95 9.84 -11.42
C ASP A 340 21.22 10.72 -10.42
N ALA A 341 19.97 10.38 -10.13
CA ALA A 341 19.15 11.14 -9.20
C ALA A 341 19.91 11.46 -7.91
N VAL A 342 20.86 10.62 -7.55
CA VAL A 342 21.65 10.83 -6.35
C VAL A 342 22.86 11.70 -6.67
N GLU A 343 23.43 11.49 -7.86
CA GLU A 343 24.58 12.27 -8.32
C GLU A 343 24.21 13.74 -8.17
N GLN A 344 23.28 14.16 -9.02
CA GLN A 344 22.77 15.52 -9.08
C GLN A 344 22.22 16.00 -7.73
N GLY A 345 22.42 15.18 -6.70
CA GLY A 345 21.95 15.55 -5.37
C GLY A 345 20.45 15.78 -5.28
N VAL A 346 19.67 15.05 -6.09
CA VAL A 346 18.22 15.18 -6.06
C VAL A 346 17.74 14.38 -4.85
N ILE A 347 18.28 13.17 -4.71
CA ILE A 347 17.92 12.32 -3.60
C ILE A 347 19.07 12.19 -2.62
N ASN A 348 19.11 13.11 -1.67
CA ASN A 348 20.10 13.16 -0.59
C ASN A 348 21.24 12.14 -0.63
N ASN A 349 21.06 11.06 0.12
CA ASN A 349 22.05 10.01 0.24
C ASN A 349 21.65 8.76 -0.52
N THR A 350 22.39 7.67 -0.28
CA THR A 350 22.12 6.40 -0.94
C THR A 350 21.20 5.52 -0.12
N VAL A 351 21.22 5.69 1.19
CA VAL A 351 20.34 4.90 2.06
C VAL A 351 18.94 5.10 1.52
N LEU A 352 18.58 6.35 1.33
CA LEU A 352 17.27 6.73 0.81
C LEU A 352 17.10 6.08 -0.55
N GLY A 353 18.11 6.24 -1.40
CA GLY A 353 18.07 5.67 -2.74
C GLY A 353 17.77 4.19 -2.77
N TYR A 354 18.50 3.41 -1.98
CA TYR A 354 18.30 1.97 -1.95
C TYR A 354 16.85 1.64 -1.62
N PHE A 355 16.37 2.14 -0.49
CA PHE A 355 15.00 1.91 -0.07
C PHE A 355 14.01 2.32 -1.14
N ILE A 356 14.18 3.53 -1.68
CA ILE A 356 13.29 4.01 -2.73
C ILE A 356 13.31 3.00 -3.89
N GLY A 357 14.47 2.41 -4.14
CA GLY A 357 14.58 1.43 -5.19
C GLY A 357 13.78 0.18 -4.86
N ARG A 358 14.05 -0.38 -3.69
CA ARG A 358 13.35 -1.57 -3.23
C ARG A 358 11.85 -1.31 -3.20
N ILE A 359 11.46 -0.21 -2.56
CA ILE A 359 10.06 0.17 -2.46
C ILE A 359 9.42 0.13 -3.83
N TYR A 360 10.20 0.45 -4.86
CA TYR A 360 9.70 0.42 -6.22
C TYR A 360 9.55 -1.01 -6.70
N LEU A 361 10.56 -1.82 -6.41
CA LEU A 361 10.55 -3.22 -6.81
C LEU A 361 9.40 -3.98 -6.15
N TYR A 362 9.13 -3.64 -4.89
CA TYR A 362 8.05 -4.30 -4.16
C TYR A 362 6.69 -3.93 -4.76
N LEU A 363 6.30 -2.67 -4.62
CA LEU A 363 5.03 -2.19 -5.14
C LEU A 363 4.80 -2.72 -6.54
N THR A 364 5.87 -2.73 -7.33
CA THR A 364 5.82 -3.23 -8.69
C THR A 364 5.50 -4.72 -8.74
N LYS A 365 6.27 -5.51 -8.00
CA LYS A 365 6.10 -6.95 -7.95
C LYS A 365 4.72 -7.36 -7.46
N VAL A 366 4.17 -6.60 -6.52
CA VAL A 366 2.84 -6.90 -5.99
C VAL A 366 1.74 -6.71 -7.03
N GLY A 367 1.93 -5.78 -7.95
CA GLY A 367 0.93 -5.56 -8.98
C GLY A 367 0.76 -4.14 -9.51
N ILE A 368 1.26 -3.15 -8.79
CA ILE A 368 1.13 -1.76 -9.22
C ILE A 368 1.85 -1.47 -10.53
N SER A 369 1.18 -0.70 -11.40
CA SER A 369 1.71 -0.33 -12.72
C SER A 369 2.86 0.68 -12.66
N PRO A 370 3.99 0.36 -13.31
CA PRO A 370 5.17 1.23 -13.36
C PRO A 370 4.87 2.66 -13.79
N ASP A 371 3.91 2.82 -14.68
CA ASP A 371 3.53 4.13 -15.21
C ASP A 371 2.57 4.93 -14.34
N LYS A 372 1.95 4.29 -13.36
CA LYS A 372 1.02 4.99 -12.48
C LYS A 372 1.58 5.07 -11.07
N LEU A 373 2.90 5.09 -11.00
CA LEU A 373 3.63 5.18 -9.73
C LEU A 373 4.73 6.22 -9.86
N ARG A 374 5.01 6.92 -8.76
CA ARG A 374 6.04 7.95 -8.75
C ARG A 374 6.49 8.23 -7.33
N PHE A 375 7.50 9.08 -7.18
CA PHE A 375 8.00 9.44 -5.86
C PHE A 375 8.07 10.95 -5.70
N ARG A 376 7.08 11.53 -5.05
CA ARG A 376 7.07 12.96 -4.82
C ARG A 376 7.71 13.24 -3.46
N GLN A 377 8.46 14.32 -3.39
CA GLN A 377 9.12 14.69 -2.15
C GLN A 377 8.23 15.68 -1.40
N HIS A 378 8.44 15.80 -0.09
CA HIS A 378 7.64 16.72 0.70
C HIS A 378 8.14 18.15 0.56
N MET A 379 7.35 19.08 1.09
CA MET A 379 7.68 20.50 1.03
C MET A 379 8.10 20.91 2.45
N GLU A 380 8.83 22.02 2.57
CA GLU A 380 9.29 22.49 3.88
C GLU A 380 8.27 22.40 5.02
N ASN A 381 7.01 22.69 4.74
CA ASN A 381 6.00 22.63 5.80
C ASN A 381 4.86 21.64 5.54
N GLU A 382 5.08 20.74 4.59
CA GLU A 382 4.12 19.67 4.29
C GLU A 382 4.75 18.52 5.03
N MET A 383 6.03 18.72 5.34
CA MET A 383 6.87 17.78 6.06
C MET A 383 6.14 17.22 7.27
N ALA A 384 6.50 16.01 7.66
CA ALA A 384 5.90 15.39 8.83
C ALA A 384 6.50 16.13 10.01
N HIS A 385 5.86 16.05 11.17
CA HIS A 385 6.38 16.75 12.34
C HIS A 385 7.60 16.07 12.94
N TYR A 386 8.12 15.05 12.26
CA TYR A 386 9.28 14.31 12.75
C TYR A 386 10.37 14.11 11.72
N ALA A 387 10.16 14.63 10.50
CA ALA A 387 11.15 14.46 9.44
C ALA A 387 11.74 15.78 8.96
N CYS A 388 12.88 15.68 8.30
CA CYS A 388 13.57 16.84 7.74
C CYS A 388 13.54 16.69 6.23
N ASP A 389 13.49 15.44 5.79
CA ASP A 389 13.43 15.10 4.37
C ASP A 389 12.57 13.85 4.26
N CYS A 390 11.88 13.70 3.14
CA CYS A 390 11.02 12.54 2.95
C CYS A 390 10.43 12.42 1.55
N TRP A 391 10.33 11.19 1.07
CA TRP A 391 9.77 10.91 -0.25
C TRP A 391 8.64 9.89 -0.10
N ASP A 392 7.54 10.14 -0.79
CA ASP A 392 6.39 9.23 -0.75
C ASP A 392 6.30 8.47 -2.06
N ALA A 393 5.65 7.32 -2.01
CA ALA A 393 5.46 6.51 -3.21
C ALA A 393 4.00 6.77 -3.56
N GLU A 394 3.77 7.53 -4.61
CA GLU A 394 2.41 7.86 -5.01
C GLU A 394 1.93 7.02 -6.18
N SER A 395 0.71 6.52 -6.06
CA SER A 395 0.11 5.69 -7.10
C SER A 395 -1.09 6.43 -7.70
N LYS A 396 -1.05 6.64 -9.01
CA LYS A 396 -2.15 7.33 -9.69
C LYS A 396 -3.36 6.41 -9.71
N THR A 397 -4.47 6.89 -9.15
CA THR A 397 -5.70 6.11 -9.09
C THR A 397 -6.92 7.01 -9.35
N SER A 398 -8.10 6.41 -9.25
CA SER A 398 -9.34 7.15 -9.47
C SER A 398 -9.46 8.31 -8.48
N TYR A 399 -8.68 8.25 -7.41
CA TYR A 399 -8.69 9.31 -6.40
C TYR A 399 -7.45 10.16 -6.63
N GLY A 400 -6.97 10.17 -7.88
CA GLY A 400 -5.78 10.94 -8.22
C GLY A 400 -4.57 10.26 -7.61
N TRP A 401 -3.44 10.96 -7.54
CA TRP A 401 -2.25 10.37 -6.94
C TRP A 401 -2.51 10.25 -5.45
N ILE A 402 -2.03 9.17 -4.84
CA ILE A 402 -2.22 8.96 -3.42
C ILE A 402 -1.00 8.27 -2.82
N GLU A 403 -0.51 8.81 -1.71
CA GLU A 403 0.64 8.24 -1.05
C GLU A 403 0.29 6.85 -0.53
N ILE A 404 1.07 5.85 -0.91
CA ILE A 404 0.82 4.49 -0.45
C ILE A 404 1.96 3.98 0.42
N VAL A 405 3.16 4.51 0.22
CA VAL A 405 4.33 4.13 1.01
C VAL A 405 5.15 5.38 1.32
N GLY A 406 5.52 5.56 2.58
CA GLY A 406 6.28 6.73 2.96
C GLY A 406 7.73 6.43 3.31
N CYS A 407 8.64 7.32 2.92
CA CYS A 407 10.06 7.12 3.21
C CYS A 407 10.66 8.36 3.87
N ALA A 408 10.48 8.46 5.19
CA ALA A 408 10.98 9.60 5.94
C ALA A 408 12.49 9.59 6.06
N ASP A 409 13.01 10.53 6.85
CA ASP A 409 14.44 10.67 7.10
C ASP A 409 14.53 11.35 8.45
N ARG A 410 13.58 11.04 9.33
CA ARG A 410 13.51 11.59 10.67
C ARG A 410 14.88 11.51 11.35
N SER A 411 15.63 12.61 11.29
CA SER A 411 16.96 12.68 11.86
C SER A 411 16.99 12.87 13.37
N CYS A 412 17.55 11.87 14.07
CA CYS A 412 17.70 11.87 15.53
C CYS A 412 16.51 12.38 16.34
N TYR A 413 15.60 13.08 15.68
CA TYR A 413 14.42 13.65 16.32
C TYR A 413 13.63 12.70 17.22
N ASP A 414 13.59 11.42 16.88
CA ASP A 414 12.84 10.45 17.68
C ASP A 414 13.56 10.03 18.96
N LEU A 415 14.72 9.41 18.81
CA LEU A 415 15.48 8.96 19.97
C LEU A 415 15.87 10.14 20.86
N SER A 416 16.00 11.31 20.26
CA SER A 416 16.34 12.52 21.00
C SER A 416 15.23 12.82 21.99
N CYS A 417 14.06 13.14 21.46
CA CYS A 417 12.89 13.46 22.26
C CYS A 417 12.73 12.51 23.43
N HIS A 418 12.77 11.21 23.15
CA HIS A 418 12.62 10.19 24.18
C HIS A 418 13.80 10.10 25.14
N ALA A 419 15.02 10.20 24.62
CA ALA A 419 16.20 10.14 25.48
C ALA A 419 16.10 11.27 26.50
N ARG A 420 15.81 12.47 26.00
CA ARG A 420 15.67 13.65 26.84
C ARG A 420 14.55 13.49 27.87
N ALA A 421 13.32 13.65 27.41
CA ALA A 421 12.13 13.55 28.25
C ALA A 421 12.18 12.53 29.39
N THR A 422 12.90 11.44 29.20
CA THR A 422 12.99 10.41 30.22
C THR A 422 14.34 10.38 30.95
N LYS A 423 15.30 11.12 30.41
CA LYS A 423 16.63 11.20 31.00
C LYS A 423 17.35 9.87 30.85
N VAL A 424 16.95 9.08 29.86
CA VAL A 424 17.55 7.78 29.60
C VAL A 424 18.34 7.88 28.30
N PRO A 425 19.68 7.82 28.38
CA PRO A 425 20.55 7.90 27.21
C PRO A 425 20.30 6.83 26.15
N LEU A 426 20.20 7.27 24.89
CA LEU A 426 19.97 6.38 23.76
C LEU A 426 21.04 6.63 22.70
N VAL A 427 22.14 5.87 22.75
CA VAL A 427 23.21 6.05 21.78
C VAL A 427 23.97 4.78 21.41
N ALA A 428 25.01 4.95 20.61
CA ALA A 428 25.85 3.85 20.16
C ALA A 428 27.31 4.29 20.15
N GLU A 429 28.19 3.45 19.59
CA GLU A 429 29.61 3.76 19.51
C GLU A 429 30.23 3.33 18.18
N LYS A 430 31.40 3.89 17.87
CA LYS A 430 32.10 3.57 16.64
C LYS A 430 33.60 3.85 16.77
N PRO A 431 34.44 3.07 16.07
CA PRO A 431 35.89 3.26 16.13
C PRO A 431 36.40 4.50 15.41
N TYR A 512 38.71 7.51 21.02
CA TYR A 512 38.85 6.17 20.34
C TYR A 512 37.52 5.65 19.81
N VAL A 513 36.58 5.39 20.71
CA VAL A 513 35.27 4.89 20.32
C VAL A 513 34.21 5.96 20.65
N GLU A 514 33.85 6.74 19.64
CA GLU A 514 32.89 7.83 19.79
C GLU A 514 31.42 7.40 19.87
N GLU A 515 30.61 8.22 20.53
CA GLU A 515 29.18 7.95 20.69
C GLU A 515 28.35 8.78 19.72
N VAL A 516 27.25 8.21 19.24
CA VAL A 516 26.38 8.92 18.30
C VAL A 516 24.91 8.58 18.52
N VAL A 517 24.04 9.42 17.95
CA VAL A 517 22.60 9.21 18.03
C VAL A 517 22.16 8.85 16.62
N PRO A 518 21.95 7.55 16.37
CA PRO A 518 21.54 7.01 15.07
C PRO A 518 20.40 7.76 14.39
N ASN A 519 20.61 8.13 13.13
CA ASN A 519 19.58 8.79 12.36
C ASN A 519 18.73 7.66 11.79
N VAL A 520 17.41 7.86 11.76
CA VAL A 520 16.52 6.82 11.27
C VAL A 520 15.77 7.11 9.98
N ILE A 521 16.04 6.31 8.96
CA ILE A 521 15.36 6.43 7.67
C ILE A 521 14.26 5.39 7.78
N GLU A 522 13.01 5.84 7.77
CA GLU A 522 11.88 4.95 7.94
C GLU A 522 10.91 4.73 6.77
N PRO A 523 10.91 3.51 6.21
CA PRO A 523 10.01 3.19 5.10
C PRO A 523 8.71 2.68 5.73
N SER A 524 7.64 3.45 5.59
CA SER A 524 6.35 3.06 6.14
C SER A 524 5.44 2.60 5.01
N PHE A 525 4.89 1.41 5.15
CA PHE A 525 4.02 0.86 4.12
C PHE A 525 2.56 0.80 4.51
N GLY A 526 1.72 1.36 3.65
CA GLY A 526 0.29 1.35 3.88
C GLY A 526 -0.25 0.15 3.13
N LEU A 527 -0.08 -1.02 3.71
CA LEU A 527 -0.55 -2.26 3.10
C LEU A 527 -2.00 -2.10 2.64
N GLY A 528 -2.71 -1.18 3.28
CA GLY A 528 -4.09 -0.95 2.92
C GLY A 528 -4.15 -0.34 1.53
N ARG A 529 -3.67 0.89 1.40
CA ARG A 529 -3.67 1.59 0.12
C ARG A 529 -2.90 0.85 -0.98
N ILE A 530 -1.93 0.02 -0.57
CA ILE A 530 -1.14 -0.72 -1.54
C ILE A 530 -1.99 -1.77 -2.23
N MET A 531 -2.68 -2.59 -1.43
CA MET A 531 -3.54 -3.62 -2.00
C MET A 531 -4.63 -2.99 -2.86
N TYR A 532 -5.04 -1.78 -2.50
CA TYR A 532 -6.08 -1.10 -3.25
C TYR A 532 -5.56 -0.67 -4.62
N THR A 533 -4.36 -0.07 -4.63
CA THR A 533 -3.77 0.36 -5.89
C THR A 533 -3.70 -0.86 -6.80
N VAL A 534 -3.31 -2.00 -6.20
CA VAL A 534 -3.22 -3.24 -6.95
C VAL A 534 -4.57 -3.60 -7.54
N PHE A 535 -5.64 -3.25 -6.82
CA PHE A 535 -6.98 -3.54 -7.31
C PHE A 535 -7.31 -2.77 -8.58
N GLU A 536 -7.16 -1.44 -8.53
CA GLU A 536 -7.46 -0.61 -9.69
C GLU A 536 -6.50 -0.87 -10.85
N HIS A 537 -5.21 -0.92 -10.55
CA HIS A 537 -4.20 -1.13 -11.59
C HIS A 537 -4.29 -2.46 -12.33
N THR A 538 -5.05 -3.41 -11.79
CA THR A 538 -5.17 -4.70 -12.45
C THR A 538 -6.61 -5.13 -12.70
N PHE A 539 -7.54 -4.20 -12.52
CA PHE A 539 -8.94 -4.50 -12.77
C PHE A 539 -9.23 -4.30 -14.25
N HIS A 540 -9.76 -5.34 -14.91
CA HIS A 540 -10.07 -5.26 -16.32
C HIS A 540 -11.46 -5.80 -16.60
N VAL A 541 -11.97 -5.53 -17.80
CA VAL A 541 -13.30 -5.99 -18.18
C VAL A 541 -13.20 -6.90 -19.41
N ARG A 542 -13.63 -8.15 -19.25
CA ARG A 542 -13.59 -9.11 -20.36
C ARG A 542 -14.35 -8.47 -21.52
N GLU A 543 -13.73 -8.41 -22.69
CA GLU A 543 -14.39 -7.80 -23.83
C GLU A 543 -15.46 -8.71 -24.43
N GLY A 544 -16.55 -8.87 -23.69
CA GLY A 544 -17.65 -9.70 -24.13
C GLY A 544 -18.91 -9.13 -23.51
N ASP A 545 -19.75 -8.52 -24.34
CA ASP A 545 -21.01 -7.90 -23.92
C ASP A 545 -21.41 -8.27 -22.50
N GLU A 546 -21.41 -9.57 -22.23
CA GLU A 546 -21.76 -10.15 -20.94
C GLU A 546 -21.40 -9.31 -19.71
N GLN A 547 -20.24 -8.66 -19.76
CA GLN A 547 -19.75 -7.82 -18.66
C GLN A 547 -19.08 -8.59 -17.54
N ARG A 548 -18.05 -9.36 -17.90
CA ARG A 548 -17.29 -10.15 -16.94
C ARG A 548 -16.05 -9.33 -16.58
N THR A 549 -15.65 -9.39 -15.31
CA THR A 549 -14.49 -8.64 -14.86
C THR A 549 -13.46 -9.53 -14.18
N PHE A 550 -12.21 -9.44 -14.62
CA PHE A 550 -11.15 -10.23 -14.04
C PHE A 550 -10.06 -9.32 -13.49
N PHE A 551 -9.27 -9.86 -12.56
CA PHE A 551 -8.16 -9.12 -11.97
C PHE A 551 -6.87 -9.80 -12.44
N SER A 552 -5.92 -8.99 -12.91
CA SER A 552 -4.65 -9.54 -13.36
C SER A 552 -3.63 -9.46 -12.24
N PHE A 553 -3.83 -10.27 -11.20
CA PHE A 553 -2.95 -10.31 -10.04
C PHE A 553 -1.70 -11.12 -10.32
N PRO A 554 -0.54 -10.62 -9.89
CA PRO A 554 0.70 -11.38 -10.14
C PRO A 554 0.55 -12.72 -9.40
N ALA A 555 1.13 -13.77 -9.94
CA ALA A 555 1.02 -15.10 -9.32
C ALA A 555 1.41 -15.10 -7.84
N VAL A 556 2.22 -14.13 -7.45
CA VAL A 556 2.69 -14.03 -6.07
C VAL A 556 1.70 -13.44 -5.08
N VAL A 557 0.59 -12.90 -5.56
CA VAL A 557 -0.38 -12.30 -4.66
C VAL A 557 -1.79 -12.83 -4.89
N ALA A 558 -1.99 -13.53 -6.01
CA ALA A 558 -3.30 -14.08 -6.33
C ALA A 558 -3.85 -14.89 -5.15
N PRO A 559 -5.18 -14.81 -4.91
CA PRO A 559 -5.83 -15.53 -3.81
C PRO A 559 -5.25 -16.95 -3.72
N PHE A 560 -5.04 -17.54 -4.89
CA PHE A 560 -4.43 -18.85 -5.02
C PHE A 560 -4.08 -19.04 -6.49
N LYS A 561 -2.82 -19.39 -6.72
CA LYS A 561 -2.26 -19.58 -8.05
C LYS A 561 -3.08 -20.32 -9.10
N CYS A 562 -3.40 -21.59 -8.85
CA CYS A 562 -4.16 -22.37 -9.82
C CYS A 562 -5.54 -22.81 -9.35
N SER A 563 -6.39 -23.12 -10.33
CA SER A 563 -7.74 -23.59 -10.06
C SER A 563 -8.01 -24.84 -10.88
N VAL A 564 -7.92 -25.99 -10.24
CA VAL A 564 -8.16 -27.26 -10.91
C VAL A 564 -9.67 -27.48 -11.03
N LEU A 565 -10.16 -27.68 -12.25
CA LEU A 565 -11.59 -27.91 -12.42
C LEU A 565 -11.94 -28.97 -13.47
N PRO A 566 -12.58 -30.06 -13.01
CA PRO A 566 -13.00 -31.18 -13.86
C PRO A 566 -14.47 -31.00 -14.25
N LEU A 567 -14.94 -31.80 -15.18
CA LEU A 567 -16.33 -31.71 -15.63
C LEU A 567 -17.27 -32.45 -14.67
N SER A 568 -17.08 -33.76 -14.56
CA SER A 568 -17.92 -34.57 -13.68
C SER A 568 -17.27 -34.84 -12.33
N GLN A 569 -18.10 -35.10 -11.32
CA GLN A 569 -17.65 -35.36 -9.97
C GLN A 569 -17.37 -36.85 -9.72
N ASN A 570 -17.90 -37.71 -10.59
CA ASN A 570 -17.75 -39.15 -10.46
C ASN A 570 -16.32 -39.65 -10.26
N GLN A 571 -16.21 -40.97 -10.00
CA GLN A 571 -14.92 -41.62 -9.75
C GLN A 571 -14.02 -41.70 -10.97
N GLU A 572 -14.57 -41.46 -12.16
CA GLU A 572 -13.77 -41.53 -13.37
C GLU A 572 -12.73 -40.41 -13.33
N PHE A 573 -13.01 -39.40 -12.52
CA PHE A 573 -12.14 -38.24 -12.39
C PHE A 573 -11.34 -38.14 -11.10
N MET A 574 -11.97 -38.41 -9.96
CA MET A 574 -11.28 -38.31 -8.67
C MET A 574 -9.81 -38.72 -8.70
N PRO A 575 -9.52 -39.95 -9.13
CA PRO A 575 -8.13 -40.41 -9.17
C PRO A 575 -7.22 -39.44 -9.95
N PHE A 576 -7.82 -38.63 -10.80
CA PHE A 576 -7.08 -37.65 -11.59
C PHE A 576 -6.99 -36.32 -10.86
N VAL A 577 -8.10 -35.88 -10.29
CA VAL A 577 -8.12 -34.63 -9.55
C VAL A 577 -7.24 -34.76 -8.32
N LYS A 578 -7.39 -35.87 -7.60
CA LYS A 578 -6.60 -36.11 -6.40
C LYS A 578 -5.12 -35.90 -6.68
N GLU A 579 -4.58 -36.71 -7.58
CA GLU A 579 -3.17 -36.63 -7.93
C GLU A 579 -2.75 -35.20 -8.27
N LEU A 580 -3.41 -34.60 -9.26
CA LEU A 580 -3.08 -33.24 -9.67
C LEU A 580 -2.97 -32.30 -8.48
N SER A 581 -3.91 -32.41 -7.54
CA SER A 581 -3.91 -31.56 -6.35
C SER A 581 -2.66 -31.79 -5.51
N GLU A 582 -2.46 -33.05 -5.11
CA GLU A 582 -1.31 -33.43 -4.30
C GLU A 582 0.00 -33.08 -5.00
N ALA A 583 0.04 -33.27 -6.30
CA ALA A 583 1.23 -32.97 -7.08
C ALA A 583 1.48 -31.46 -7.06
N LEU A 584 0.39 -30.69 -7.20
CA LEU A 584 0.48 -29.24 -7.17
C LEU A 584 0.93 -28.81 -5.79
N THR A 585 0.41 -29.49 -4.77
CA THR A 585 0.77 -29.19 -3.39
C THR A 585 2.27 -29.41 -3.24
N ARG A 586 2.75 -30.57 -3.67
CA ARG A 586 4.17 -30.88 -3.58
C ARG A 586 5.02 -29.79 -4.22
N HIS A 587 4.48 -29.14 -5.24
CA HIS A 587 5.20 -28.08 -5.93
C HIS A 587 4.97 -26.71 -5.32
N GLY A 588 4.24 -26.66 -4.22
CA GLY A 588 3.97 -25.39 -3.56
C GLY A 588 3.17 -24.42 -4.41
N VAL A 589 2.09 -24.91 -4.99
CA VAL A 589 1.24 -24.08 -5.83
C VAL A 589 -0.17 -24.01 -5.22
N SER A 590 -0.48 -22.87 -4.62
CA SER A 590 -1.79 -22.67 -4.01
C SER A 590 -2.89 -22.93 -5.04
N HIS A 591 -3.82 -23.82 -4.71
CA HIS A 591 -4.90 -24.15 -5.64
C HIS A 591 -6.20 -24.58 -4.97
N LYS A 592 -7.27 -24.64 -5.76
CA LYS A 592 -8.59 -25.04 -5.30
C LYS A 592 -9.37 -25.77 -6.40
N VAL A 593 -9.92 -26.93 -6.06
CA VAL A 593 -10.70 -27.72 -7.01
C VAL A 593 -12.10 -27.13 -7.14
N ASP A 594 -12.45 -26.70 -8.35
CA ASP A 594 -13.75 -26.08 -8.60
C ASP A 594 -14.93 -27.05 -8.58
N ASP A 595 -16.07 -26.55 -8.13
CA ASP A 595 -17.30 -27.33 -8.05
C ASP A 595 -18.47 -26.58 -8.67
N SER A 596 -18.55 -25.28 -8.37
CA SER A 596 -19.62 -24.41 -8.88
C SER A 596 -20.25 -24.91 -10.16
N SER A 597 -21.58 -24.92 -10.20
CA SER A 597 -22.33 -25.38 -11.36
C SER A 597 -22.20 -24.41 -12.53
N GLY A 598 -22.13 -24.96 -13.74
CA GLY A 598 -22.02 -24.12 -14.91
C GLY A 598 -21.02 -24.65 -15.94
N SER A 599 -21.17 -24.19 -17.17
CA SER A 599 -20.27 -24.60 -18.25
C SER A 599 -18.85 -24.23 -17.86
N ILE A 600 -17.87 -24.99 -18.36
CA ILE A 600 -16.47 -24.72 -18.05
C ILE A 600 -16.17 -23.23 -18.13
N GLY A 601 -16.61 -22.60 -19.23
CA GLY A 601 -16.37 -21.18 -19.42
C GLY A 601 -17.06 -20.32 -18.38
N ARG A 602 -18.14 -20.83 -17.79
CA ARG A 602 -18.86 -20.09 -16.77
C ARG A 602 -18.13 -20.25 -15.45
N ARG A 603 -17.48 -21.41 -15.31
CA ARG A 603 -16.71 -21.72 -14.11
C ARG A 603 -15.53 -20.77 -14.04
N TYR A 604 -14.68 -20.82 -15.06
CA TYR A 604 -13.51 -19.96 -15.13
C TYR A 604 -13.89 -18.49 -15.00
N ALA A 605 -15.19 -18.20 -15.12
CA ALA A 605 -15.67 -16.84 -15.00
C ALA A 605 -15.40 -16.37 -13.57
N ARG A 606 -15.80 -17.19 -12.61
CA ARG A 606 -15.62 -16.88 -11.20
C ARG A 606 -14.14 -16.93 -10.85
N THR A 607 -13.42 -17.90 -11.42
CA THR A 607 -11.98 -18.02 -11.18
C THR A 607 -11.31 -16.71 -11.56
N ASP A 608 -11.69 -16.17 -12.71
CA ASP A 608 -11.11 -14.92 -13.19
C ASP A 608 -11.58 -13.75 -12.33
N GLU A 609 -12.83 -13.80 -11.89
CA GLU A 609 -13.40 -12.75 -11.05
C GLU A 609 -12.45 -12.31 -9.94
N ILE A 610 -11.80 -13.27 -9.30
CA ILE A 610 -10.87 -12.96 -8.22
C ILE A 610 -9.40 -13.16 -8.61
N GLY A 611 -9.12 -13.00 -9.89
CA GLY A 611 -7.76 -13.12 -10.40
C GLY A 611 -6.93 -14.37 -10.19
N VAL A 612 -7.55 -15.55 -10.18
CA VAL A 612 -6.76 -16.77 -10.02
C VAL A 612 -5.87 -16.91 -11.25
N ALA A 613 -4.56 -16.86 -11.02
CA ALA A 613 -3.57 -16.94 -12.08
C ALA A 613 -3.83 -17.94 -13.20
N PHE A 614 -3.97 -19.21 -12.86
CA PHE A 614 -4.19 -20.23 -13.90
C PHE A 614 -5.34 -21.17 -13.64
N GLY A 615 -5.54 -22.10 -14.57
CA GLY A 615 -6.60 -23.08 -14.45
C GLY A 615 -6.31 -24.32 -15.27
N VAL A 616 -6.63 -25.48 -14.71
CA VAL A 616 -6.41 -26.74 -15.39
C VAL A 616 -7.73 -27.49 -15.55
N THR A 617 -8.09 -27.76 -16.80
CA THR A 617 -9.33 -28.46 -17.10
C THR A 617 -9.11 -29.95 -17.23
N ILE A 618 -9.91 -30.72 -16.50
CA ILE A 618 -9.82 -32.17 -16.57
C ILE A 618 -11.14 -32.66 -17.13
N ASP A 619 -11.10 -33.18 -18.36
CA ASP A 619 -12.29 -33.67 -19.02
C ASP A 619 -12.25 -35.18 -19.21
N PHE A 620 -13.11 -35.67 -20.09
CA PHE A 620 -13.17 -37.10 -20.37
C PHE A 620 -11.92 -37.56 -21.10
N ASP A 621 -11.49 -36.81 -22.09
CA ASP A 621 -10.29 -37.16 -22.84
C ASP A 621 -9.10 -37.31 -21.89
N THR A 622 -9.15 -36.58 -20.78
CA THR A 622 -8.07 -36.64 -19.80
C THR A 622 -8.09 -38.04 -19.20
N VAL A 623 -9.29 -38.49 -18.82
CA VAL A 623 -9.48 -39.80 -18.22
C VAL A 623 -9.39 -40.89 -19.29
N ASN A 624 -10.19 -40.74 -20.35
CA ASN A 624 -10.22 -41.70 -21.43
C ASN A 624 -8.91 -41.85 -22.20
N LYS A 625 -8.75 -41.05 -23.26
CA LYS A 625 -7.55 -41.09 -24.08
C LYS A 625 -6.26 -41.24 -23.27
N THR A 626 -5.27 -41.89 -23.89
CA THR A 626 -3.97 -42.10 -23.26
C THR A 626 -2.89 -41.72 -24.27
N PRO A 627 -1.87 -40.95 -23.84
CA PRO A 627 -1.67 -40.42 -22.48
C PRO A 627 -2.82 -39.54 -21.99
N HIS A 628 -2.78 -39.21 -20.70
CA HIS A 628 -3.79 -38.38 -20.07
C HIS A 628 -3.30 -36.94 -20.02
N THR A 629 -3.98 -36.07 -20.76
CA THR A 629 -3.61 -34.66 -20.79
C THR A 629 -4.79 -33.83 -20.34
N ALA A 630 -4.49 -32.70 -19.70
CA ALA A 630 -5.53 -31.80 -19.23
C ALA A 630 -5.35 -30.46 -19.95
N THR A 631 -6.27 -29.54 -19.71
CA THR A 631 -6.19 -28.23 -20.34
C THR A 631 -5.59 -27.20 -19.41
N LEU A 632 -4.58 -26.48 -19.89
CA LEU A 632 -3.94 -25.44 -19.09
C LEU A 632 -4.42 -24.10 -19.63
N ARG A 633 -5.13 -23.34 -18.80
CA ARG A 633 -5.67 -22.05 -19.22
C ARG A 633 -5.14 -20.82 -18.52
N ASP A 634 -4.58 -19.91 -19.29
CA ASP A 634 -4.06 -18.66 -18.77
C ASP A 634 -5.25 -17.74 -18.50
N ARG A 635 -5.26 -17.11 -17.34
CA ARG A 635 -6.34 -16.21 -16.95
C ARG A 635 -6.61 -15.06 -17.91
N ASP A 636 -5.65 -14.16 -18.01
CA ASP A 636 -5.77 -12.99 -18.88
C ASP A 636 -6.18 -13.28 -20.31
N SER A 637 -5.39 -14.13 -20.99
CA SER A 637 -5.64 -14.47 -22.38
C SER A 637 -6.78 -15.47 -22.62
N MET A 638 -7.02 -16.36 -21.65
CA MET A 638 -8.06 -17.37 -21.78
C MET A 638 -7.64 -18.43 -22.79
N ARG A 639 -6.40 -18.32 -23.26
CA ARG A 639 -5.84 -19.27 -24.22
C ARG A 639 -5.49 -20.52 -23.45
N GLN A 640 -5.74 -21.69 -24.04
CA GLN A 640 -5.47 -22.95 -23.37
C GLN A 640 -4.36 -23.79 -24.01
N ILE A 641 -3.93 -24.82 -23.28
CA ILE A 641 -2.89 -25.73 -23.74
C ILE A 641 -3.17 -27.15 -23.29
N ARG A 642 -3.17 -28.09 -24.22
CA ARG A 642 -3.40 -29.49 -23.89
C ARG A 642 -2.04 -30.05 -23.52
N ALA A 643 -1.95 -30.76 -22.40
CA ALA A 643 -0.67 -31.32 -21.99
C ALA A 643 -0.76 -32.39 -20.92
N GLU A 644 0.17 -33.34 -21.00
CA GLU A 644 0.27 -34.46 -20.07
C GLU A 644 -0.02 -33.97 -18.65
N ILE A 645 -1.18 -34.37 -18.12
CA ILE A 645 -1.58 -33.96 -16.78
C ILE A 645 -0.54 -34.22 -15.69
N SER A 646 0.50 -34.99 -16.01
CA SER A 646 1.54 -35.29 -15.03
C SER A 646 2.55 -34.16 -14.96
N GLU A 647 2.90 -33.60 -16.11
CA GLU A 647 3.87 -32.51 -16.20
C GLU A 647 3.29 -31.17 -15.76
N LEU A 648 2.01 -30.95 -16.08
CA LEU A 648 1.32 -29.71 -15.74
C LEU A 648 1.74 -29.07 -14.42
N PRO A 649 1.80 -29.87 -13.33
CA PRO A 649 2.22 -29.28 -12.06
C PRO A 649 3.53 -28.50 -12.15
N SER A 650 4.62 -29.21 -12.41
CA SER A 650 5.94 -28.59 -12.51
C SER A 650 5.89 -27.37 -13.45
N ILE A 651 4.96 -27.40 -14.40
CA ILE A 651 4.81 -26.30 -15.35
C ILE A 651 4.11 -25.11 -14.69
N VAL A 652 2.94 -25.35 -14.12
CA VAL A 652 2.20 -24.29 -13.45
C VAL A 652 3.14 -23.61 -12.46
N GLN A 653 4.03 -24.40 -11.87
CA GLN A 653 5.00 -23.88 -10.91
C GLN A 653 5.93 -22.90 -11.63
N ASP A 654 6.62 -23.39 -12.65
CA ASP A 654 7.54 -22.57 -13.43
C ASP A 654 6.88 -21.28 -13.92
N LEU A 655 5.59 -21.36 -14.24
CA LEU A 655 4.85 -20.20 -14.71
C LEU A 655 4.68 -19.16 -13.61
N ALA A 656 4.14 -19.60 -12.47
CA ALA A 656 3.90 -18.71 -11.34
C ALA A 656 5.19 -18.13 -10.75
N ASN A 657 6.23 -18.95 -10.70
CA ASN A 657 7.51 -18.52 -10.13
C ASN A 657 8.28 -17.63 -11.10
N GLY A 658 7.68 -17.31 -12.24
CA GLY A 658 8.32 -16.46 -13.22
C GLY A 658 9.50 -17.12 -13.91
N ASN A 659 9.49 -18.45 -13.96
CA ASN A 659 10.58 -19.20 -14.58
C ASN A 659 10.30 -19.55 -16.04
N ILE A 660 9.07 -19.26 -16.49
CA ILE A 660 8.68 -19.55 -17.86
C ILE A 660 7.56 -18.58 -18.27
N THR A 661 7.42 -18.35 -19.58
CA THR A 661 6.40 -17.45 -20.09
C THR A 661 5.22 -18.24 -20.65
N TRP A 662 4.06 -17.61 -20.72
CA TRP A 662 2.89 -18.27 -21.28
C TRP A 662 3.23 -18.66 -22.69
N ALA A 663 3.87 -17.72 -23.40
CA ALA A 663 4.28 -17.93 -24.78
C ALA A 663 5.17 -19.17 -24.87
N ASP A 664 6.19 -19.23 -24.03
CA ASP A 664 7.10 -20.37 -24.02
C ASP A 664 6.30 -21.67 -24.00
N VAL A 665 5.25 -21.68 -23.18
CA VAL A 665 4.40 -22.86 -23.06
C VAL A 665 3.72 -23.17 -24.40
N GLU A 666 3.14 -22.15 -25.02
CA GLU A 666 2.47 -22.33 -26.30
C GLU A 666 3.45 -22.83 -27.36
N ALA A 667 4.73 -22.52 -27.16
CA ALA A 667 5.77 -22.94 -28.10
C ALA A 667 6.17 -24.38 -27.82
N ARG A 668 6.19 -24.75 -26.54
CA ARG A 668 6.55 -26.09 -26.12
C ARG A 668 5.41 -27.08 -26.30
N TYR A 669 4.23 -26.70 -25.85
CA TYR A 669 3.06 -27.56 -25.92
C TYR A 669 2.03 -27.17 -26.97
N PRO A 670 1.21 -28.15 -27.39
CA PRO A 670 0.16 -27.93 -28.39
C PRO A 670 -0.92 -27.04 -27.83
N LEU A 671 -1.46 -26.16 -28.65
CA LEU A 671 -2.51 -25.25 -28.21
C LEU A 671 -3.76 -26.05 -27.86
N PHE A 672 -4.89 -25.37 -27.79
CA PHE A 672 -6.16 -26.01 -27.47
C PHE A 672 -7.24 -24.94 -27.46
N GLU A 673 -8.39 -25.24 -28.06
CA GLU A 673 -9.47 -24.27 -28.10
C GLU A 673 -10.69 -24.76 -27.34
C4 DRV B . -3.06 5.22 5.56
C5 DRV B . -3.96 6.15 6.08
C6 DRV B . -5.31 5.87 6.00
C8 DRV B . -1.96 6.89 6.37
N1 DRV B . -5.71 4.73 5.43
N3 DRV B . -3.53 4.09 5.01
N DRV B . 5.24 5.89 11.08
CA DRV B . 5.39 7.02 10.14
C DRV B . 4.03 7.39 9.55
O DRV B . 3.06 7.60 10.28
NAO DRV B . 4.00 7.46 8.23
SBA DRV B . 2.60 7.84 7.47
OAD DRV B . 2.15 9.19 7.93
OAE DRV B . 1.56 6.82 7.82
O5' DRV B . 2.82 7.86 6.06
C5' DRV B . 2.73 6.67 5.26
C4' DRV B . 1.28 6.35 4.89
O4' DRV B . 0.56 5.74 5.97
C3' DRV B . 1.14 5.31 3.79
O3' DRV B . 1.57 5.88 2.54
C2' DRV B . -0.37 5.16 3.85
O2' DRV B . -0.76 3.93 3.23
C1' DRV B . -0.56 5.05 5.37
N9 DRV B . -1.84 5.70 5.75
N7 DRV B . -3.23 7.16 6.56
C2 DRV B . -4.83 3.87 4.94
N6 DRV B . -6.20 6.73 6.49
#